data_8WCM
#
_entry.id   8WCM
#
_cell.length_a   1.00
_cell.length_b   1.00
_cell.length_c   1.00
_cell.angle_alpha   90.00
_cell.angle_beta   90.00
_cell.angle_gamma   90.00
#
_symmetry.space_group_name_H-M   'P 1'
#
_entity_poly.entity_id   1
_entity_poly.type   'polypeptide(L)'
_entity_poly.pdbx_seq_one_letter_code
;HHHHHHGSGGDYFPVISVDLQSGRRVVSVEYIRGDGPPRIPYSMVGPCCVFLMHHRPSHEVRLRFSDFYNVGEFPYRVGL
GDFASNVAPPPAKPFQRLIDLIGHMTLSDFTRFPNLKEAISWPLGEPSLAFFDLSSTRVHRNDDIRRDQIATLAMRSCKI
TNDLEDSFVGLHRMIVTEAILRGIDLCLLPGFDLMYEVAHVQCVRLLQAAKEDISNAVVPNSALIALMEESLMLRSSLPS
MMGRNNWIPVVPPIPDVEMESEEESDDDGFVEVD
;
_entity_poly.pdbx_strand_id   A,B
#
# COMPACT_ATOMS: atom_id res chain seq x y z
N ASP A 11 -25.22 10.50 -17.36
CA ASP A 11 -24.41 11.36 -18.21
C ASP A 11 -23.26 10.58 -18.83
N TYR A 12 -22.18 10.40 -18.07
CA TYR A 12 -21.03 9.63 -18.50
C TYR A 12 -20.88 8.39 -17.64
N PHE A 13 -20.67 7.25 -18.28
CA PHE A 13 -20.42 6.00 -17.59
C PHE A 13 -18.96 5.62 -17.74
N PRO A 14 -18.28 5.25 -16.66
CA PRO A 14 -16.94 4.68 -16.79
C PRO A 14 -17.03 3.24 -17.29
N VAL A 15 -16.22 2.91 -18.28
CA VAL A 15 -16.12 1.56 -18.82
C VAL A 15 -14.69 1.11 -18.63
N ILE A 16 -14.50 0.04 -17.86
CA ILE A 16 -13.19 -0.46 -17.50
C ILE A 16 -12.86 -1.62 -18.42
N SER A 17 -11.72 -1.53 -19.10
CA SER A 17 -11.32 -2.52 -20.10
C SER A 17 -9.90 -2.95 -19.83
N VAL A 18 -9.68 -4.25 -19.81
CA VAL A 18 -8.35 -4.82 -19.58
C VAL A 18 -7.80 -5.26 -20.92
N ASP A 19 -6.72 -4.62 -21.37
CA ASP A 19 -6.21 -4.82 -22.72
C ASP A 19 -4.71 -5.03 -22.68
N LEU A 20 -4.20 -5.67 -23.72
CA LEU A 20 -2.76 -5.95 -23.82
C LEU A 20 -2.07 -4.76 -24.48
N GLN A 21 -1.05 -4.23 -23.80
CA GLN A 21 -0.23 -3.14 -24.33
C GLN A 21 1.20 -3.37 -23.89
N SER A 22 2.13 -3.27 -24.84
CA SER A 22 3.57 -3.38 -24.56
C SER A 22 3.91 -4.70 -23.85
N GLY A 23 3.23 -5.76 -24.25
CA GLY A 23 3.47 -7.06 -23.64
C GLY A 23 3.06 -7.13 -22.19
N ARG A 24 2.11 -6.30 -21.77
CA ARG A 24 1.59 -6.32 -20.40
C ARG A 24 0.09 -6.12 -20.47
N ARG A 25 -0.64 -6.91 -19.69
CA ARG A 25 -2.10 -6.76 -19.64
C ARG A 25 -2.44 -5.71 -18.60
N VAL A 26 -3.01 -4.60 -19.05
CA VAL A 26 -3.16 -3.40 -18.24
C VAL A 26 -4.60 -2.93 -18.28
N VAL A 27 -5.03 -2.28 -17.20
CA VAL A 27 -6.39 -1.79 -17.04
C VAL A 27 -6.48 -0.37 -17.56
N SER A 28 -7.59 -0.04 -18.21
CA SER A 28 -7.86 1.32 -18.64
C SER A 28 -9.32 1.64 -18.35
N VAL A 29 -9.61 2.93 -18.19
CA VAL A 29 -10.96 3.39 -17.96
C VAL A 29 -11.27 4.44 -19.03
N GLU A 30 -12.43 4.33 -19.65
CA GLU A 30 -12.86 5.29 -20.66
C GLU A 30 -14.29 5.71 -20.34
N TYR A 31 -14.56 6.99 -20.37
CA TYR A 31 -15.88 7.50 -20.06
C TYR A 31 -16.68 7.64 -21.34
N ILE A 32 -17.87 7.05 -21.36
CA ILE A 32 -18.72 7.01 -22.54
C ILE A 32 -20.05 7.66 -22.24
N ARG A 33 -20.53 8.49 -23.17
CA ARG A 33 -21.82 9.15 -23.01
C ARG A 33 -22.95 8.13 -23.01
N GLY A 34 -23.87 8.31 -22.08
CA GLY A 34 -25.07 7.49 -21.99
C GLY A 34 -25.95 8.02 -20.88
N ASP A 35 -27.26 8.13 -21.12
CA ASP A 35 -28.15 8.71 -20.13
C ASP A 35 -29.11 7.69 -19.54
N GLY A 36 -29.97 7.08 -20.36
CA GLY A 36 -31.08 6.29 -19.87
C GLY A 36 -31.71 6.94 -18.66
N PRO A 37 -31.97 6.16 -17.62
CA PRO A 37 -32.16 6.73 -16.30
C PRO A 37 -30.83 6.92 -15.61
N PRO A 38 -30.42 8.16 -15.33
CA PRO A 38 -29.12 8.37 -14.68
C PRO A 38 -29.09 7.74 -13.30
N ARG A 39 -27.91 7.22 -12.92
CA ARG A 39 -27.77 6.55 -11.63
C ARG A 39 -27.96 7.53 -10.48
N ILE A 40 -28.68 7.09 -9.46
CA ILE A 40 -29.02 7.94 -8.34
C ILE A 40 -27.81 8.14 -7.43
N PRO A 41 -27.18 7.08 -6.88
CA PRO A 41 -26.02 7.30 -6.00
C PRO A 41 -24.75 7.46 -6.79
N TYR A 42 -24.15 8.64 -6.74
CA TYR A 42 -22.97 8.93 -7.53
C TYR A 42 -22.19 10.06 -6.88
N SER A 43 -20.96 10.23 -7.34
CA SER A 43 -20.04 11.18 -6.74
C SER A 43 -19.10 11.69 -7.83
N MET A 44 -18.54 12.87 -7.59
CA MET A 44 -17.53 13.46 -8.47
C MET A 44 -16.22 13.55 -7.71
N VAL A 45 -15.26 12.74 -8.10
CA VAL A 45 -13.88 12.86 -7.63
C VAL A 45 -13.13 13.62 -8.71
N GLY A 46 -12.94 14.91 -8.50
CA GLY A 46 -12.40 15.77 -9.53
C GLY A 46 -13.33 15.77 -10.72
N PRO A 47 -12.78 15.53 -11.91
CA PRO A 47 -13.63 15.40 -13.10
C PRO A 47 -14.27 14.03 -13.23
N CYS A 48 -13.85 13.04 -12.44
CA CYS A 48 -14.31 11.67 -12.63
C CYS A 48 -15.65 11.45 -11.94
N CYS A 49 -16.57 10.80 -12.65
CA CYS A 49 -17.86 10.42 -12.11
C CYS A 49 -17.78 8.98 -11.63
N VAL A 50 -18.05 8.78 -10.36
CA VAL A 50 -17.97 7.47 -9.72
C VAL A 50 -19.38 7.08 -9.31
N PHE A 51 -19.74 5.82 -9.54
CA PHE A 51 -21.06 5.33 -9.19
C PHE A 51 -20.92 4.41 -7.98
N LEU A 52 -21.61 4.76 -6.90
CA LEU A 52 -21.36 4.16 -5.61
C LEU A 52 -22.21 2.91 -5.43
N MET A 53 -21.55 1.78 -5.26
CA MET A 53 -22.22 0.52 -4.93
C MET A 53 -22.14 0.19 -3.45
N HIS A 54 -20.98 0.39 -2.84
CA HIS A 54 -20.76 0.01 -1.45
C HIS A 54 -20.70 1.19 -0.50
N HIS A 55 -20.75 2.41 -1.00
CA HIS A 55 -20.58 3.60 -0.17
C HIS A 55 -21.80 4.50 -0.30
N ARG A 56 -22.25 5.01 0.83
CA ARG A 56 -23.35 5.97 0.82
C ARG A 56 -22.82 7.36 0.52
N PRO A 57 -23.36 8.05 -0.48
CA PRO A 57 -22.94 9.43 -0.70
C PRO A 57 -23.33 10.30 0.49
N SER A 58 -22.48 11.28 0.79
CA SER A 58 -22.70 12.18 1.92
C SER A 58 -22.47 13.61 1.49
N HIS A 59 -23.29 14.51 2.00
CA HIS A 59 -23.20 15.93 1.67
C HIS A 59 -22.51 16.74 2.75
N GLU A 60 -22.03 16.11 3.81
CA GLU A 60 -21.34 16.84 4.86
C GLU A 60 -19.95 17.26 4.39
N VAL A 61 -19.42 18.28 5.03
CA VAL A 61 -18.08 18.78 4.75
C VAL A 61 -17.17 18.33 5.87
N ARG A 62 -16.17 17.52 5.53
CA ARG A 62 -15.25 16.97 6.52
C ARG A 62 -13.82 17.23 6.07
N LEU A 63 -12.89 17.07 7.00
CA LEU A 63 -11.51 17.47 6.75
C LEU A 63 -10.77 16.49 5.86
N ARG A 64 -11.05 15.20 5.97
CA ARG A 64 -10.30 14.18 5.27
C ARG A 64 -11.22 13.32 4.42
N PHE A 65 -10.71 12.87 3.29
CA PHE A 65 -11.40 11.87 2.50
C PHE A 65 -11.63 10.61 3.30
N SER A 66 -10.68 10.26 4.18
CA SER A 66 -10.82 9.05 4.98
C SER A 66 -11.94 9.18 6.00
N ASP A 67 -12.29 10.40 6.39
CA ASP A 67 -13.40 10.60 7.31
C ASP A 67 -14.73 10.18 6.70
N PHE A 68 -14.77 9.99 5.40
CA PHE A 68 -15.95 9.48 4.72
C PHE A 68 -15.86 7.96 4.54
N TYR A 69 -14.82 7.49 3.85
CA TYR A 69 -14.78 6.08 3.51
C TYR A 69 -14.45 5.18 4.70
N ASN A 70 -13.97 5.74 5.81
CA ASN A 70 -13.73 4.92 6.98
C ASN A 70 -15.02 4.53 7.68
N VAL A 71 -16.10 5.26 7.44
CA VAL A 71 -17.41 4.96 7.99
C VAL A 71 -18.37 4.51 6.90
N GLY A 72 -17.86 3.97 5.80
CA GLY A 72 -18.70 3.44 4.75
C GLY A 72 -19.43 4.48 3.94
N GLU A 73 -18.93 5.69 3.89
CA GLU A 73 -19.54 6.76 3.11
C GLU A 73 -18.59 7.19 2.00
N PHE A 74 -19.02 8.18 1.24
CA PHE A 74 -18.25 8.68 0.15
C PHE A 74 -18.68 10.13 -0.04
N PRO A 75 -17.74 11.07 -0.12
CA PRO A 75 -18.12 12.47 -0.27
C PRO A 75 -18.91 12.68 -1.55
N TYR A 76 -19.87 13.60 -1.50
CA TYR A 76 -20.67 13.85 -2.69
C TYR A 76 -19.80 14.32 -3.84
N ARG A 77 -18.99 15.36 -3.64
CA ARG A 77 -18.14 15.87 -4.70
C ARG A 77 -16.90 16.46 -4.04
N VAL A 78 -15.76 16.28 -4.72
CA VAL A 78 -14.45 16.58 -4.16
C VAL A 78 -13.63 17.33 -5.20
N GLY A 79 -12.86 18.30 -4.75
CA GLY A 79 -11.88 18.94 -5.59
C GLY A 79 -12.24 20.39 -5.88
N LEU A 80 -11.45 21.00 -6.76
CA LEU A 80 -11.72 22.34 -7.22
C LEU A 80 -12.80 22.34 -8.28
N GLY A 81 -13.53 23.43 -8.35
CA GLY A 81 -14.60 23.57 -9.32
C GLY A 81 -15.61 24.61 -8.86
N ASP A 82 -16.67 24.73 -9.64
CA ASP A 82 -17.73 25.70 -9.38
C ASP A 82 -18.74 25.13 -8.38
N PHE A 83 -18.23 24.84 -7.19
CA PHE A 83 -18.99 24.09 -6.21
C PHE A 83 -18.24 24.14 -4.89
N ALA A 84 -18.79 23.48 -3.87
CA ALA A 84 -18.17 23.36 -2.57
C ALA A 84 -17.74 21.91 -2.36
N SER A 85 -16.44 21.69 -2.29
CA SER A 85 -15.92 20.35 -2.05
C SER A 85 -16.34 19.86 -0.67
N ASN A 86 -16.70 18.57 -0.60
CA ASN A 86 -17.06 17.98 0.67
C ASN A 86 -15.85 17.53 1.47
N VAL A 87 -14.66 17.59 0.90
CA VAL A 87 -13.42 17.40 1.62
C VAL A 87 -12.73 18.75 1.67
N ALA A 88 -12.53 19.27 2.86
CA ALA A 88 -11.99 20.62 3.01
C ALA A 88 -10.59 20.69 2.41
N PRO A 89 -10.27 21.75 1.67
CA PRO A 89 -9.00 21.81 0.97
C PRO A 89 -7.82 21.83 1.93
N PRO A 90 -6.65 21.39 1.50
CA PRO A 90 -5.50 21.37 2.38
C PRO A 90 -5.05 22.78 2.73
N PRO A 91 -4.26 22.95 3.78
CA PRO A 91 -3.70 24.28 4.03
C PRO A 91 -2.84 24.79 2.90
N ALA A 92 -2.13 23.91 2.21
CA ALA A 92 -1.22 24.34 1.16
C ALA A 92 -1.01 23.19 0.19
N LYS A 93 -0.40 23.53 -0.96
CA LYS A 93 0.06 22.58 -1.96
C LYS A 93 1.52 22.90 -2.23
N PRO A 94 2.40 22.60 -1.28
CA PRO A 94 3.69 23.31 -1.24
C PRO A 94 4.68 22.85 -2.29
N PHE A 95 4.45 21.72 -2.94
CA PHE A 95 5.35 21.24 -3.98
C PHE A 95 4.87 21.59 -5.38
N GLN A 96 3.91 22.50 -5.51
CA GLN A 96 3.31 22.77 -6.81
C GLN A 96 4.33 23.33 -7.80
N ARG A 97 5.28 24.14 -7.33
CA ARG A 97 6.29 24.66 -8.25
C ARG A 97 7.21 23.55 -8.73
N LEU A 98 7.66 22.68 -7.82
CA LEU A 98 8.49 21.56 -8.22
C LEU A 98 7.72 20.62 -9.14
N ILE A 99 6.43 20.41 -8.88
CA ILE A 99 5.63 19.55 -9.73
C ILE A 99 5.50 20.15 -11.12
N ASP A 100 5.27 21.47 -11.20
CA ASP A 100 5.20 22.12 -12.50
C ASP A 100 6.52 22.00 -13.24
N LEU A 101 7.62 22.01 -12.50
CA LEU A 101 8.93 21.89 -13.13
C LEU A 101 9.22 20.49 -13.61
N ILE A 102 8.78 19.47 -12.86
CA ILE A 102 9.00 18.09 -13.23
C ILE A 102 8.08 17.65 -14.35
N GLY A 103 6.85 18.16 -14.37
CA GLY A 103 5.88 17.74 -15.38
C GLY A 103 6.29 18.05 -16.79
N HIS A 104 7.19 19.03 -16.98
CA HIS A 104 7.72 19.36 -18.29
C HIS A 104 9.03 18.64 -18.59
N MET A 105 9.21 17.45 -18.02
CA MET A 105 10.43 16.68 -18.19
C MET A 105 10.07 15.27 -18.61
N THR A 106 11.04 14.61 -19.23
CA THR A 106 10.84 13.27 -19.78
C THR A 106 11.24 12.22 -18.74
N LEU A 107 10.64 11.04 -18.88
CA LEU A 107 10.91 9.96 -17.94
C LEU A 107 12.38 9.57 -17.95
N SER A 108 13.05 9.65 -19.10
CA SER A 108 14.46 9.28 -19.17
C SER A 108 15.34 10.16 -18.30
N ASP A 109 14.87 11.34 -17.91
CA ASP A 109 15.63 12.18 -17.01
C ASP A 109 15.76 11.58 -15.62
N PHE A 110 14.89 10.64 -15.27
CA PHE A 110 14.90 10.02 -13.94
C PHE A 110 15.40 8.59 -13.96
N THR A 111 15.01 7.80 -14.96
CA THR A 111 15.41 6.41 -15.01
C THR A 111 16.90 6.22 -15.24
N ARG A 112 17.62 7.26 -15.66
CA ARG A 112 19.06 7.13 -15.82
C ARG A 112 19.74 6.96 -14.47
N PHE A 113 19.16 7.51 -13.41
CA PHE A 113 19.63 7.33 -12.05
C PHE A 113 18.82 6.27 -11.34
N PRO A 114 19.46 5.39 -10.57
CA PRO A 114 18.70 4.29 -9.95
C PRO A 114 17.78 4.76 -8.84
N ASN A 115 18.27 5.65 -7.97
CA ASN A 115 17.46 6.07 -6.82
C ASN A 115 16.26 6.88 -7.25
N LEU A 116 16.40 7.75 -8.26
CA LEU A 116 15.24 8.50 -8.75
C LEU A 116 14.22 7.56 -9.38
N LYS A 117 14.70 6.55 -10.12
CA LYS A 117 13.82 5.56 -10.71
C LYS A 117 13.02 4.85 -9.63
N GLU A 118 13.69 4.43 -8.56
CA GLU A 118 12.98 3.79 -7.45
C GLU A 118 11.99 4.76 -6.81
N ALA A 119 12.38 6.03 -6.68
CA ALA A 119 11.51 7.01 -6.03
C ALA A 119 10.21 7.20 -6.79
N ILE A 120 10.29 7.28 -8.13
CA ILE A 120 9.07 7.46 -8.91
C ILE A 120 8.44 6.15 -9.33
N SER A 121 8.99 5.00 -8.91
CA SER A 121 8.30 3.74 -9.15
C SER A 121 6.96 3.69 -8.41
N TRP A 122 6.92 4.13 -7.16
CA TRP A 122 5.68 4.19 -6.42
C TRP A 122 4.72 5.17 -7.09
N PRO A 123 3.40 4.91 -7.09
CA PRO A 123 2.63 3.79 -6.57
C PRO A 123 2.34 2.69 -7.57
N LEU A 124 2.63 2.92 -8.84
CA LEU A 124 2.27 1.97 -9.89
C LEU A 124 3.20 0.77 -9.95
N GLY A 125 4.29 0.78 -9.21
CA GLY A 125 5.27 -0.30 -9.29
C GLY A 125 6.25 -0.17 -10.43
N GLU A 126 6.08 0.82 -11.30
CA GLU A 126 6.94 1.09 -12.43
C GLU A 126 7.18 2.60 -12.49
N PRO A 127 8.31 3.03 -13.02
CA PRO A 127 8.56 4.47 -13.13
C PRO A 127 7.49 5.15 -13.95
N SER A 128 7.03 6.30 -13.47
CA SER A 128 5.91 7.00 -14.11
C SER A 128 5.87 8.44 -13.65
N LEU A 129 5.78 9.36 -14.61
CA LEU A 129 5.59 10.77 -14.33
C LEU A 129 4.15 11.21 -14.62
N ALA A 130 3.22 10.26 -14.66
CA ALA A 130 1.85 10.58 -15.03
C ALA A 130 1.19 11.48 -14.00
N PHE A 131 1.45 11.26 -12.73
CA PHE A 131 0.84 12.08 -11.68
C PHE A 131 1.40 13.50 -11.71
N PHE A 132 2.68 13.66 -12.05
CA PHE A 132 3.24 14.99 -12.22
C PHE A 132 2.55 15.74 -13.35
N ASP A 133 2.28 15.04 -14.46
CA ASP A 133 1.57 15.68 -15.56
C ASP A 133 0.14 16.06 -15.16
N LEU A 134 -0.54 15.18 -14.44
CA LEU A 134 -1.92 15.51 -14.07
C LEU A 134 -2.02 16.48 -12.91
N SER A 135 -0.92 16.76 -12.21
CA SER A 135 -0.93 17.73 -11.12
C SER A 135 -0.39 19.09 -11.54
N SER A 136 0.35 19.17 -12.64
CA SER A 136 0.98 20.42 -13.04
C SER A 136 -0.07 21.45 -13.42
N THR A 137 0.23 22.72 -13.13
CA THR A 137 -0.62 23.82 -13.54
C THR A 137 -0.25 24.37 -14.90
N ARG A 138 0.95 24.09 -15.39
CA ARG A 138 1.39 24.58 -16.69
C ARG A 138 1.25 23.56 -17.79
N VAL A 139 0.35 22.59 -17.64
CA VAL A 139 -0.07 21.70 -18.70
C VAL A 139 -1.57 21.83 -18.84
N HIS A 140 -2.05 21.93 -20.08
CA HIS A 140 -3.47 22.17 -20.34
C HIS A 140 -4.04 20.99 -21.10
N ARG A 141 -5.08 20.37 -20.53
CA ARG A 141 -5.70 19.20 -21.12
C ARG A 141 -7.22 19.35 -21.03
N ASN A 142 -7.91 18.71 -21.96
CA ASN A 142 -9.36 18.70 -21.92
C ASN A 142 -9.83 17.94 -20.68
N ASP A 143 -11.05 18.25 -20.24
CA ASP A 143 -11.56 17.61 -19.04
C ASP A 143 -11.87 16.14 -19.26
N ASP A 144 -12.25 15.77 -20.49
CA ASP A 144 -12.56 14.37 -20.77
C ASP A 144 -11.34 13.49 -20.71
N ILE A 145 -10.27 13.90 -21.40
CA ILE A 145 -9.03 13.12 -21.35
C ILE A 145 -8.47 13.15 -19.94
N ARG A 146 -8.63 14.25 -19.23
CA ARG A 146 -8.19 14.32 -17.84
C ARG A 146 -8.91 13.30 -16.97
N ARG A 147 -10.23 13.21 -17.10
CA ARG A 147 -10.96 12.28 -16.26
C ARG A 147 -10.61 10.83 -16.61
N ASP A 148 -10.44 10.54 -17.91
CA ASP A 148 -10.04 9.21 -18.31
C ASP A 148 -8.69 8.84 -17.71
N GLN A 149 -7.72 9.75 -17.78
CA GLN A 149 -6.40 9.47 -17.26
C GLN A 149 -6.40 9.34 -15.74
N ILE A 150 -7.17 10.18 -15.05
CA ILE A 150 -7.21 10.10 -13.59
C ILE A 150 -7.79 8.77 -13.15
N ALA A 151 -8.91 8.36 -13.75
CA ALA A 151 -9.52 7.10 -13.38
C ALA A 151 -8.61 5.93 -13.74
N THR A 152 -7.94 6.01 -14.88
CA THR A 152 -7.01 4.96 -15.27
C THR A 152 -5.87 4.82 -14.27
N LEU A 153 -5.32 5.95 -13.81
CA LEU A 153 -4.23 5.88 -12.86
C LEU A 153 -4.69 5.38 -11.50
N ALA A 154 -5.89 5.77 -11.08
CA ALA A 154 -6.44 5.23 -9.85
C ALA A 154 -6.59 3.71 -9.94
N MET A 155 -7.06 3.22 -11.09
CA MET A 155 -7.23 1.78 -11.25
C MET A 155 -5.89 1.06 -11.32
N ARG A 156 -4.91 1.64 -12.02
CA ARG A 156 -3.62 1.00 -12.18
C ARG A 156 -2.77 1.02 -10.92
N SER A 157 -3.02 1.96 -10.02
CA SER A 157 -2.35 1.93 -8.72
C SER A 157 -2.77 0.72 -7.91
N CYS A 158 -4.05 0.37 -7.95
CA CYS A 158 -4.62 -0.69 -7.13
C CYS A 158 -4.53 -2.07 -7.78
N LYS A 159 -4.35 -2.13 -9.10
CA LYS A 159 -4.13 -3.38 -9.83
C LYS A 159 -5.34 -4.30 -9.76
N ILE A 160 -6.53 -3.73 -9.75
CA ILE A 160 -7.77 -4.50 -9.82
C ILE A 160 -8.45 -4.17 -11.15
N THR A 161 -9.55 -4.85 -11.46
CA THR A 161 -10.18 -4.71 -12.76
C THR A 161 -11.63 -4.26 -12.72
N ASN A 162 -12.27 -4.17 -11.57
CA ASN A 162 -13.72 -4.07 -11.66
C ASN A 162 -14.33 -2.85 -10.97
N ASP A 163 -13.81 -2.45 -9.81
CA ASP A 163 -14.46 -1.42 -9.01
C ASP A 163 -13.68 -0.12 -9.09
N LEU A 164 -14.39 0.98 -9.29
CA LEU A 164 -13.75 2.28 -9.43
C LEU A 164 -13.73 3.07 -8.13
N GLU A 165 -14.80 3.02 -7.34
CA GLU A 165 -14.80 3.73 -6.07
C GLU A 165 -13.79 3.12 -5.11
N ASP A 166 -13.69 1.79 -5.09
CA ASP A 166 -12.66 1.16 -4.28
C ASP A 166 -11.28 1.50 -4.77
N SER A 167 -11.12 1.82 -6.05
CA SER A 167 -9.81 2.24 -6.54
C SER A 167 -9.42 3.60 -5.99
N PHE A 168 -10.36 4.53 -5.90
CA PHE A 168 -10.04 5.83 -5.31
C PHE A 168 -9.77 5.70 -3.83
N VAL A 169 -10.57 4.89 -3.13
CA VAL A 169 -10.33 4.66 -1.71
C VAL A 169 -8.96 4.03 -1.51
N GLY A 170 -8.61 3.05 -2.34
CA GLY A 170 -7.32 2.41 -2.20
C GLY A 170 -6.16 3.33 -2.53
N LEU A 171 -6.33 4.21 -3.52
CA LEU A 171 -5.28 5.16 -3.85
C LEU A 171 -5.05 6.13 -2.71
N HIS A 172 -6.12 6.64 -2.09
CA HIS A 172 -5.91 7.51 -0.95
C HIS A 172 -5.27 6.77 0.23
N ARG A 173 -5.68 5.53 0.45
CA ARG A 173 -5.09 4.75 1.54
C ARG A 173 -3.61 4.52 1.30
N MET A 174 -3.22 4.26 0.05
CA MET A 174 -1.81 4.12 -0.29
C MET A 174 -1.05 5.41 -0.05
N ILE A 175 -1.64 6.54 -0.42
CA ILE A 175 -1.00 7.83 -0.19
C ILE A 175 -0.75 8.04 1.29
N VAL A 176 -1.76 7.78 2.12
CA VAL A 176 -1.61 8.02 3.54
C VAL A 176 -0.62 7.03 4.16
N THR A 177 -0.58 5.79 3.67
CA THR A 177 0.39 4.84 4.18
C THR A 177 1.82 5.31 3.89
N GLU A 178 2.08 5.75 2.67
CA GLU A 178 3.41 6.25 2.35
C GLU A 178 3.73 7.55 3.10
N ALA A 179 2.74 8.41 3.31
CA ALA A 179 2.96 9.61 4.10
C ALA A 179 3.37 9.26 5.52
N ILE A 180 2.68 8.29 6.13
CA ILE A 180 3.02 7.89 7.49
C ILE A 180 4.42 7.30 7.53
N LEU A 181 4.76 6.46 6.55
CA LEU A 181 6.08 5.85 6.54
C LEU A 181 7.19 6.88 6.36
N ARG A 182 7.00 7.83 5.45
CA ARG A 182 8.02 8.84 5.15
C ARG A 182 7.93 10.05 6.04
N GLY A 183 7.04 10.06 7.03
CA GLY A 183 6.97 11.18 7.95
C GLY A 183 6.40 12.44 7.35
N ILE A 184 5.63 12.32 6.30
CA ILE A 184 4.97 13.46 5.68
C ILE A 184 3.80 13.87 6.55
N ASP A 185 3.59 15.18 6.66
CA ASP A 185 2.49 15.70 7.47
C ASP A 185 1.17 15.43 6.75
N LEU A 186 0.23 14.82 7.46
CA LEU A 186 -1.03 14.41 6.86
C LEU A 186 -2.04 15.52 6.74
N CYS A 187 -1.75 16.70 7.30
CA CYS A 187 -2.63 17.84 7.09
C CYS A 187 -2.66 18.23 5.62
N LEU A 188 -1.59 17.90 4.89
CA LEU A 188 -1.43 18.27 3.49
C LEU A 188 -2.01 17.27 2.51
N LEU A 189 -2.46 16.12 3.00
CA LEU A 189 -2.97 15.05 2.14
C LEU A 189 -4.33 14.62 2.68
N PRO A 190 -5.37 15.41 2.45
CA PRO A 190 -6.70 15.04 2.91
C PRO A 190 -7.56 14.30 1.90
N GLY A 191 -7.08 14.11 0.68
CA GLY A 191 -7.88 13.56 -0.38
C GLY A 191 -8.52 14.58 -1.29
N PHE A 192 -8.09 15.83 -1.22
CA PHE A 192 -8.71 16.89 -2.00
C PHE A 192 -8.44 16.71 -3.50
N ASP A 193 -7.16 16.53 -3.87
CA ASP A 193 -6.76 16.39 -5.27
C ASP A 193 -5.77 15.24 -5.36
N LEU A 194 -6.28 14.02 -5.51
CA LEU A 194 -5.48 12.82 -5.29
C LEU A 194 -4.24 12.79 -6.17
N MET A 195 -4.31 13.32 -7.37
CA MET A 195 -3.12 13.37 -8.21
C MET A 195 -2.05 14.26 -7.60
N TYR A 196 -2.45 15.37 -7.00
CA TYR A 196 -1.45 16.18 -6.31
C TYR A 196 -0.85 15.43 -5.12
N GLU A 197 -1.66 14.69 -4.37
CA GLU A 197 -1.09 13.95 -3.24
C GLU A 197 -0.09 12.91 -3.70
N VAL A 198 -0.39 12.19 -4.78
CA VAL A 198 0.56 11.22 -5.29
C VAL A 198 1.83 11.92 -5.73
N ALA A 199 1.70 13.02 -6.45
CA ALA A 199 2.88 13.76 -6.89
C ALA A 199 3.67 14.35 -5.73
N HIS A 200 2.98 14.74 -4.65
CA HIS A 200 3.66 15.27 -3.47
C HIS A 200 4.47 14.19 -2.77
N VAL A 201 3.89 13.01 -2.59
CA VAL A 201 4.65 11.94 -1.96
C VAL A 201 5.80 11.49 -2.86
N GLN A 202 5.57 11.48 -4.17
CA GLN A 202 6.65 11.17 -5.09
C GLN A 202 7.75 12.22 -5.04
N CYS A 203 7.39 13.49 -4.82
CA CYS A 203 8.39 14.54 -4.67
C CYS A 203 9.21 14.35 -3.40
N VAL A 204 8.55 13.97 -2.30
CA VAL A 204 9.29 13.71 -1.06
C VAL A 204 10.25 12.54 -1.25
N ARG A 205 9.78 11.48 -1.92
CA ARG A 205 10.66 10.35 -2.19
C ARG A 205 11.81 10.76 -3.11
N LEU A 206 11.54 11.61 -4.09
CA LEU A 206 12.60 12.08 -4.98
C LEU A 206 13.62 12.91 -4.23
N LEU A 207 13.17 13.76 -3.31
CA LEU A 207 14.09 14.56 -2.53
C LEU A 207 14.96 13.68 -1.64
N GLN A 208 14.38 12.61 -1.09
CA GLN A 208 15.18 11.69 -0.29
C GLN A 208 16.16 10.90 -1.15
N ALA A 209 15.76 10.55 -2.38
CA ALA A 209 16.61 9.75 -3.25
C ALA A 209 17.74 10.56 -3.87
N ALA A 210 17.52 11.85 -4.11
CA ALA A 210 18.56 12.68 -4.72
C ALA A 210 19.78 12.78 -3.83
N LYS A 211 19.62 12.67 -2.52
CA LYS A 211 20.76 12.65 -1.62
C LYS A 211 21.68 11.48 -1.93
N GLU A 212 21.11 10.27 -2.04
CA GLU A 212 21.91 9.11 -2.36
C GLU A 212 22.47 9.20 -3.78
N ASP A 213 21.72 9.80 -4.70
CA ASP A 213 22.21 9.92 -6.06
C ASP A 213 23.43 10.83 -6.14
N ILE A 214 23.40 11.97 -5.45
CA ILE A 214 24.58 12.83 -5.45
C ILE A 214 25.70 12.20 -4.65
N SER A 215 25.37 11.43 -3.61
CA SER A 215 26.39 10.71 -2.86
C SER A 215 27.05 9.63 -3.70
N ASN A 216 26.38 9.14 -4.74
CA ASN A 216 26.97 8.19 -5.67
C ASN A 216 27.77 8.87 -6.77
N ALA A 217 27.89 10.21 -6.74
CA ALA A 217 28.72 10.97 -7.67
C ALA A 217 28.28 10.74 -9.12
N VAL A 218 27.07 11.19 -9.41
CA VAL A 218 26.54 11.13 -10.76
C VAL A 218 26.61 12.53 -11.37
N VAL A 219 26.38 12.62 -12.67
CA VAL A 219 26.44 13.88 -13.40
C VAL A 219 25.03 14.48 -13.40
N PRO A 220 24.81 15.61 -12.73
CA PRO A 220 23.45 16.14 -12.63
C PRO A 220 22.87 16.52 -13.99
N ASN A 221 21.61 16.14 -14.20
CA ASN A 221 20.80 16.65 -15.29
C ASN A 221 19.82 17.67 -14.71
N SER A 222 18.86 18.10 -15.52
CA SER A 222 17.88 19.07 -15.04
C SER A 222 17.10 18.55 -13.84
N ALA A 223 16.85 17.23 -13.81
CA ALA A 223 16.11 16.65 -12.69
C ALA A 223 16.85 16.84 -11.39
N LEU A 224 18.13 16.46 -11.34
CA LEU A 224 18.89 16.61 -10.11
C LEU A 224 19.10 18.07 -9.76
N ILE A 225 19.25 18.95 -10.75
CA ILE A 225 19.42 20.37 -10.45
C ILE A 225 18.18 20.91 -9.77
N ALA A 226 17.01 20.60 -10.31
CA ALA A 226 15.77 21.06 -9.70
C ALA A 226 15.58 20.48 -8.31
N LEU A 227 15.86 19.18 -8.15
CA LEU A 227 15.67 18.56 -6.84
C LEU A 227 16.64 19.13 -5.81
N MET A 228 17.87 19.41 -6.20
CA MET A 228 18.82 19.99 -5.25
C MET A 228 18.47 21.43 -4.90
N GLU A 229 17.99 22.20 -5.87
CA GLU A 229 17.54 23.55 -5.55
C GLU A 229 16.40 23.52 -4.54
N GLU A 230 15.42 22.64 -4.77
CA GLU A 230 14.30 22.52 -3.84
C GLU A 230 14.78 22.05 -2.47
N SER A 231 15.71 21.09 -2.44
CA SER A 231 16.21 20.60 -1.18
C SER A 231 16.95 21.69 -0.41
N LEU A 232 17.71 22.52 -1.11
CA LEU A 232 18.43 23.61 -0.45
C LEU A 232 17.45 24.62 0.14
N MET A 233 16.46 25.03 -0.65
CA MET A 233 15.48 25.99 -0.16
C MET A 233 14.73 25.43 1.05
N LEU A 234 14.35 24.15 1.00
CA LEU A 234 13.62 23.55 2.10
C LEU A 234 14.50 23.38 3.34
N ARG A 235 15.77 23.01 3.16
CA ARG A 235 16.67 22.92 4.29
C ARG A 235 16.81 24.27 4.98
N SER A 236 16.86 25.34 4.19
CA SER A 236 16.93 26.67 4.78
C SER A 236 15.65 27.01 5.52
N SER A 237 14.49 26.78 4.91
CA SER A 237 13.23 27.28 5.47
C SER A 237 12.53 26.26 6.36
N LEU A 238 12.13 25.11 5.81
CA LEU A 238 11.35 24.12 6.56
C LEU A 238 11.91 22.73 6.30
N PRO A 239 12.92 22.31 7.06
CA PRO A 239 13.50 20.99 6.81
C PRO A 239 12.52 19.85 7.01
N SER A 240 11.61 19.97 7.98
CA SER A 240 10.71 18.87 8.30
C SER A 240 9.78 18.55 7.15
N MET A 241 9.66 19.45 6.18
CA MET A 241 8.83 19.19 5.02
C MET A 241 9.45 18.13 4.10
N MET A 242 10.75 17.91 4.21
CA MET A 242 11.41 16.94 3.36
C MET A 242 11.19 15.51 3.81
N GLY A 243 10.42 15.31 4.87
CA GLY A 243 10.18 13.98 5.37
C GLY A 243 11.30 13.50 6.27
N ARG A 244 11.23 12.21 6.61
CA ARG A 244 12.26 11.58 7.42
C ARG A 244 13.36 11.02 6.52
N ASN A 245 14.52 10.82 7.12
CA ASN A 245 15.69 10.29 6.40
C ASN A 245 15.75 8.77 6.58
N ASN A 246 14.84 8.09 5.90
CA ASN A 246 14.73 6.64 5.97
C ASN A 246 14.60 6.04 4.59
N TRP A 247 15.45 6.47 3.67
CA TRP A 247 15.45 5.95 2.31
C TRP A 247 16.50 4.85 2.19
N ILE A 248 16.10 3.69 1.70
CA ILE A 248 17.03 2.60 1.45
C ILE A 248 17.79 2.90 0.18
N PRO A 249 19.11 3.02 0.22
CA PRO A 249 19.87 3.26 -1.02
C PRO A 249 19.73 2.07 -1.96
N VAL A 250 19.65 2.37 -3.25
CA VAL A 250 19.50 1.36 -4.29
C VAL A 250 20.88 1.01 -4.82
N VAL A 251 21.18 -0.29 -4.87
CA VAL A 251 22.47 -0.73 -5.39
C VAL A 251 22.57 -0.38 -6.88
N PRO A 252 23.62 0.28 -7.33
CA PRO A 252 23.72 0.66 -8.74
C PRO A 252 23.99 -0.55 -9.60
N PRO A 253 23.18 -0.76 -10.65
CA PRO A 253 23.35 -1.89 -11.56
C PRO A 253 24.51 -1.67 -12.55
N ASP B 11 14.77 -4.62 28.45
CA ASP B 11 14.97 -6.06 28.23
C ASP B 11 15.66 -6.31 26.90
N TYR B 12 14.89 -6.30 25.82
CA TYR B 12 15.41 -6.48 24.47
C TYR B 12 15.20 -5.20 23.66
N PHE B 13 16.25 -4.77 22.98
CA PHE B 13 16.17 -3.62 22.09
C PHE B 13 16.23 -4.08 20.65
N PRO B 14 15.33 -3.60 19.79
CA PRO B 14 15.47 -3.86 18.36
C PRO B 14 16.58 -2.99 17.78
N VAL B 15 17.45 -3.62 16.99
CA VAL B 15 18.51 -2.93 16.29
C VAL B 15 18.30 -3.16 14.81
N ILE B 16 18.10 -2.08 14.07
CA ILE B 16 17.78 -2.14 12.65
C ILE B 16 19.05 -1.88 11.86
N SER B 17 19.39 -2.80 10.98
CA SER B 17 20.64 -2.74 10.23
C SER B 17 20.35 -2.95 8.75
N VAL B 18 20.89 -2.08 7.92
CA VAL B 18 20.71 -2.16 6.48
C VAL B 18 21.99 -2.74 5.89
N ASP B 19 21.88 -3.94 5.31
CA ASP B 19 23.05 -4.68 4.87
C ASP B 19 22.84 -5.20 3.46
N LEU B 20 23.95 -5.48 2.77
CA LEU B 20 23.91 -5.98 1.41
C LEU B 20 23.80 -7.51 1.43
N GLN B 21 22.78 -8.04 0.76
CA GLN B 21 22.59 -9.47 0.62
C GLN B 21 22.05 -9.76 -0.77
N SER B 22 22.66 -10.71 -1.46
CA SER B 22 22.21 -11.16 -2.78
C SER B 22 22.14 -10.00 -3.77
N GLY B 23 23.11 -9.09 -3.67
CA GLY B 23 23.13 -7.94 -4.57
C GLY B 23 21.97 -6.99 -4.36
N ARG B 24 21.41 -6.96 -3.16
CA ARG B 24 20.32 -6.05 -2.83
C ARG B 24 20.55 -5.53 -1.42
N ARG B 25 20.38 -4.22 -1.23
CA ARG B 25 20.54 -3.64 0.10
C ARG B 25 19.20 -3.75 0.82
N VAL B 26 19.18 -4.53 1.91
CA VAL B 26 17.95 -4.95 2.56
C VAL B 26 18.04 -4.65 4.04
N VAL B 27 16.88 -4.40 4.64
CA VAL B 27 16.76 -4.06 6.05
C VAL B 27 16.57 -5.33 6.86
N SER B 28 17.17 -5.37 8.05
CA SER B 28 16.97 -6.47 8.98
C SER B 28 16.83 -5.89 10.37
N VAL B 29 16.15 -6.63 11.25
CA VAL B 29 16.00 -6.24 12.64
C VAL B 29 16.49 -7.39 13.49
N GLU B 30 17.30 -7.08 14.51
CA GLU B 30 17.80 -8.08 15.42
C GLU B 30 17.59 -7.59 16.84
N TYR B 31 17.07 -8.43 17.71
CA TYR B 31 16.81 -8.04 19.08
C TYR B 31 18.01 -8.40 19.95
N ILE B 32 18.50 -7.43 20.69
CA ILE B 32 19.71 -7.58 21.51
C ILE B 32 19.38 -7.30 22.96
N ARG B 33 19.89 -8.15 23.84
CA ARG B 33 19.70 -7.97 25.27
C ARG B 33 20.36 -6.69 25.76
N GLY B 34 19.64 -5.95 26.59
CA GLY B 34 20.15 -4.74 27.21
C GLY B 34 19.11 -4.18 28.15
N ASP B 35 19.50 -3.78 29.36
CA ASP B 35 18.54 -3.31 30.34
C ASP B 35 18.67 -1.81 30.63
N GLY B 36 19.82 -1.37 31.13
CA GLY B 36 19.96 -0.04 31.67
C GLY B 36 18.72 0.36 32.45
N PRO B 37 18.23 1.57 32.21
CA PRO B 37 16.85 1.88 32.56
C PRO B 37 15.92 1.47 31.43
N PRO B 38 15.04 0.49 31.65
CA PRO B 38 14.13 0.06 30.58
C PRO B 38 13.22 1.19 30.13
N ARG B 39 12.92 1.22 28.83
CA ARG B 39 12.09 2.27 28.28
C ARG B 39 10.68 2.20 28.83
N ILE B 40 10.12 3.36 29.17
CA ILE B 40 8.80 3.44 29.79
C ILE B 40 7.71 3.19 28.76
N PRO B 41 7.62 3.95 27.65
CA PRO B 41 6.54 3.68 26.69
C PRO B 41 6.92 2.58 25.72
N TYR B 42 6.22 1.47 25.76
CA TYR B 42 6.56 0.31 24.94
C TYR B 42 5.34 -0.56 24.77
N SER B 43 5.42 -1.49 23.82
CA SER B 43 4.31 -2.32 23.44
C SER B 43 4.83 -3.66 22.96
N MET B 44 3.98 -4.68 23.03
CA MET B 44 4.29 -6.00 22.52
C MET B 44 3.36 -6.31 21.37
N VAL B 45 3.89 -6.34 20.16
CA VAL B 45 3.18 -6.82 18.99
C VAL B 45 3.63 -8.27 18.79
N GLY B 46 2.81 -9.21 19.23
CA GLY B 46 3.21 -10.59 19.28
C GLY B 46 4.41 -10.75 20.17
N PRO B 47 5.46 -11.41 19.68
CA PRO B 47 6.70 -11.50 20.44
C PRO B 47 7.57 -10.27 20.34
N CYS B 48 7.26 -9.34 19.43
CA CYS B 48 8.14 -8.21 19.18
C CYS B 48 7.89 -7.09 20.17
N CYS B 49 8.98 -6.53 20.70
CA CYS B 49 8.92 -5.39 21.60
C CYS B 49 9.16 -4.13 20.79
N VAL B 50 8.18 -3.22 20.83
CA VAL B 50 8.22 -1.98 20.07
C VAL B 50 8.30 -0.83 21.07
N PHE B 51 9.15 0.14 20.78
CA PHE B 51 9.31 1.29 21.66
C PHE B 51 8.66 2.49 21.00
N LEU B 52 7.69 3.09 21.68
CA LEU B 52 6.80 4.04 21.07
C LEU B 52 7.38 5.45 21.19
N MET B 53 7.63 6.07 20.04
CA MET B 53 8.06 7.46 19.97
C MET B 53 6.91 8.40 19.63
N HIS B 54 6.06 8.01 18.67
CA HIS B 54 4.99 8.86 18.19
C HIS B 54 3.62 8.44 18.64
N HIS B 55 3.49 7.30 19.31
CA HIS B 55 2.20 6.75 19.68
C HIS B 55 2.11 6.59 21.19
N ARG B 56 0.97 6.98 21.75
CA ARG B 56 0.74 6.77 23.17
C ARG B 56 0.27 5.35 23.42
N PRO B 57 0.91 4.60 24.30
CA PRO B 57 0.38 3.28 24.64
C PRO B 57 -0.98 3.39 25.31
N SER B 58 -1.84 2.44 25.02
CA SER B 58 -3.20 2.42 25.56
C SER B 58 -3.52 1.05 26.10
N HIS B 59 -4.24 1.01 27.21
CA HIS B 59 -4.62 -0.24 27.84
C HIS B 59 -6.06 -0.64 27.56
N GLU B 60 -6.78 0.13 26.75
CA GLU B 60 -8.15 -0.21 26.43
C GLU B 60 -8.19 -1.40 25.46
N VAL B 61 -9.32 -2.09 25.45
CA VAL B 61 -9.53 -3.21 24.55
C VAL B 61 -10.47 -2.74 23.45
N ARG B 62 -9.99 -2.78 22.21
CA ARG B 62 -10.75 -2.31 21.07
C ARG B 62 -10.74 -3.38 19.99
N LEU B 63 -11.65 -3.23 19.03
CA LEU B 63 -11.86 -4.29 18.05
C LEU B 63 -10.77 -4.34 17.00
N ARG B 64 -10.22 -3.20 16.60
CA ARG B 64 -9.28 -3.15 15.51
C ARG B 64 -7.98 -2.49 15.95
N PHE B 65 -6.88 -2.95 15.37
CA PHE B 65 -5.60 -2.28 15.55
C PHE B 65 -5.68 -0.84 15.07
N SER B 66 -6.45 -0.60 14.00
CA SER B 66 -6.56 0.75 13.47
C SER B 66 -7.30 1.67 14.41
N ASP B 67 -8.14 1.12 15.30
CA ASP B 67 -8.84 1.94 16.28
C ASP B 67 -7.87 2.57 17.27
N PHE B 68 -6.64 2.08 17.33
CA PHE B 68 -5.60 2.68 18.15
C PHE B 68 -4.77 3.67 17.35
N TYR B 69 -4.14 3.21 16.28
CA TYR B 69 -3.20 4.06 15.57
C TYR B 69 -3.87 5.14 14.75
N ASN B 70 -5.18 5.06 14.53
CA ASN B 70 -5.86 6.14 13.82
C ASN B 70 -6.05 7.36 14.69
N VAL B 71 -5.98 7.19 16.01
CA VAL B 71 -6.09 8.30 16.94
C VAL B 71 -4.76 8.54 17.66
N GLY B 72 -3.65 8.16 17.04
CA GLY B 72 -2.35 8.43 17.59
C GLY B 72 -1.98 7.60 18.79
N GLU B 73 -2.60 6.44 18.96
CA GLU B 73 -2.31 5.55 20.07
C GLU B 73 -1.71 4.25 19.54
N PHE B 74 -1.42 3.35 20.46
CA PHE B 74 -0.84 2.07 20.13
C PHE B 74 -1.27 1.12 21.22
N PRO B 75 -1.81 -0.04 20.87
CA PRO B 75 -2.26 -0.98 21.90
C PRO B 75 -1.11 -1.40 22.78
N TYR B 76 -1.40 -1.62 24.07
CA TYR B 76 -0.34 -2.02 24.98
C TYR B 76 0.28 -3.33 24.54
N ARG B 77 -0.52 -4.37 24.34
CA ARG B 77 0.01 -5.65 23.93
C ARG B 77 -1.04 -6.35 23.08
N VAL B 78 -0.59 -7.07 22.06
CA VAL B 78 -1.46 -7.63 21.03
C VAL B 78 -1.04 -9.06 20.76
N GLY B 79 -2.03 -9.92 20.53
CA GLY B 79 -1.77 -11.26 20.06
C GLY B 79 -2.12 -12.31 21.11
N LEU B 80 -1.78 -13.54 20.78
CA LEU B 80 -1.95 -14.65 21.71
C LEU B 80 -0.83 -14.66 22.74
N GLY B 81 -1.15 -15.17 23.91
CA GLY B 81 -0.18 -15.25 24.98
C GLY B 81 -0.88 -15.33 26.33
N ASP B 82 -0.05 -15.31 27.38
CA ASP B 82 -0.53 -15.41 28.75
C ASP B 82 -0.96 -14.04 29.26
N PHE B 83 -1.95 -13.47 28.59
CA PHE B 83 -2.32 -12.08 28.81
C PHE B 83 -3.63 -11.82 28.07
N ALA B 84 -4.10 -10.58 28.15
CA ALA B 84 -5.29 -10.15 27.45
C ALA B 84 -4.88 -9.17 26.36
N SER B 85 -5.08 -9.56 25.10
CA SER B 85 -4.76 -8.70 23.98
C SER B 85 -5.65 -7.47 23.99
N ASN B 86 -5.06 -6.32 23.67
CA ASN B 86 -5.82 -5.09 23.60
C ASN B 86 -6.53 -4.91 22.28
N VAL B 87 -6.27 -5.79 21.31
CA VAL B 87 -7.04 -5.87 20.07
C VAL B 87 -7.83 -7.16 20.13
N ALA B 88 -9.14 -7.06 20.12
CA ALA B 88 -9.98 -8.23 20.30
C ALA B 88 -9.76 -9.22 19.17
N PRO B 89 -9.65 -10.51 19.46
CA PRO B 89 -9.30 -11.49 18.44
C PRO B 89 -10.37 -11.57 17.36
N PRO B 90 -10.01 -12.00 16.16
CA PRO B 90 -10.97 -12.08 15.08
C PRO B 90 -11.99 -13.17 15.35
N PRO B 91 -13.12 -13.14 14.67
CA PRO B 91 -14.07 -14.26 14.82
C PRO B 91 -13.48 -15.58 14.40
N ALA B 92 -12.60 -15.60 13.41
CA ALA B 92 -12.04 -16.85 12.91
C ALA B 92 -10.71 -16.59 12.24
N LYS B 93 -9.99 -17.67 11.98
CA LYS B 93 -8.76 -17.65 11.18
C LYS B 93 -8.95 -18.71 10.10
N PRO B 94 -9.80 -18.43 9.11
CA PRO B 94 -10.38 -19.52 8.33
C PRO B 94 -9.44 -20.16 7.33
N PHE B 95 -8.31 -19.55 7.03
CA PHE B 95 -7.35 -20.11 6.10
C PHE B 95 -6.22 -20.83 6.79
N GLN B 96 -6.36 -21.13 8.08
CA GLN B 96 -5.24 -21.69 8.83
C GLN B 96 -4.83 -23.05 8.30
N ARG B 97 -5.77 -23.87 7.84
CA ARG B 97 -5.40 -25.15 7.28
C ARG B 97 -4.63 -25.00 5.98
N LEU B 98 -5.10 -24.13 5.10
CA LEU B 98 -4.38 -23.87 3.85
C LEU B 98 -3.02 -23.27 4.13
N ILE B 99 -2.92 -22.40 5.13
CA ILE B 99 -1.63 -21.81 5.48
C ILE B 99 -0.68 -22.87 6.00
N ASP B 100 -1.18 -23.77 6.85
CA ASP B 100 -0.34 -24.86 7.33
C ASP B 100 0.12 -25.74 6.17
N LEU B 101 -0.72 -25.91 5.17
CA LEU B 101 -0.37 -26.73 4.03
C LEU B 101 0.65 -26.05 3.12
N ILE B 102 0.54 -24.73 2.96
CA ILE B 102 1.47 -23.98 2.10
C ILE B 102 2.81 -23.79 2.78
N GLY B 103 2.82 -23.61 4.11
CA GLY B 103 4.06 -23.35 4.82
C GLY B 103 5.07 -24.47 4.73
N HIS B 104 4.63 -25.68 4.44
CA HIS B 104 5.51 -26.82 4.24
C HIS B 104 5.86 -27.04 2.77
N MET B 105 5.89 -25.97 1.99
CA MET B 105 6.17 -26.04 0.57
C MET B 105 7.25 -25.03 0.22
N THR B 106 7.93 -25.30 -0.89
CA THR B 106 9.05 -24.49 -1.33
C THR B 106 8.57 -23.39 -2.27
N LEU B 107 9.34 -22.30 -2.32
CA LEU B 107 8.98 -21.17 -3.16
C LEU B 107 8.88 -21.56 -4.62
N SER B 108 9.72 -22.50 -5.07
CA SER B 108 9.71 -22.91 -6.46
C SER B 108 8.40 -23.54 -6.88
N ASP B 109 7.59 -24.00 -5.92
CA ASP B 109 6.28 -24.53 -6.25
C ASP B 109 5.33 -23.47 -6.76
N PHE B 110 5.61 -22.20 -6.49
CA PHE B 110 4.75 -21.10 -6.91
C PHE B 110 5.33 -20.27 -8.03
N THR B 111 6.64 -20.00 -8.00
CA THR B 111 7.26 -19.18 -9.03
C THR B 111 7.27 -19.84 -10.40
N ARG B 112 7.03 -21.15 -10.48
CA ARG B 112 6.96 -21.80 -11.78
C ARG B 112 5.74 -21.32 -12.57
N PHE B 113 4.67 -20.94 -11.87
CA PHE B 113 3.48 -20.37 -12.49
C PHE B 113 3.51 -18.85 -12.34
N PRO B 114 3.12 -18.12 -13.39
CA PRO B 114 3.23 -16.65 -13.32
C PRO B 114 2.22 -16.03 -12.38
N ASN B 115 0.97 -16.49 -12.44
CA ASN B 115 -0.07 -15.87 -11.63
C ASN B 115 0.14 -16.12 -10.14
N LEU B 116 0.58 -17.33 -9.77
CA LEU B 116 0.89 -17.59 -8.36
C LEU B 116 2.05 -16.73 -7.89
N LYS B 117 3.07 -16.56 -8.73
CA LYS B 117 4.19 -15.71 -8.41
C LYS B 117 3.74 -14.29 -8.15
N GLU B 118 2.87 -13.77 -9.01
CA GLU B 118 2.33 -12.43 -8.79
C GLU B 118 1.51 -12.37 -7.52
N ALA B 119 0.74 -13.42 -7.24
CA ALA B 119 -0.12 -13.42 -6.06
C ALA B 119 0.69 -13.34 -4.78
N ILE B 120 1.80 -14.09 -4.69
CA ILE B 120 2.62 -14.05 -3.50
C ILE B 120 3.71 -12.99 -3.55
N SER B 121 3.76 -12.18 -4.62
CA SER B 121 4.68 -11.05 -4.62
C SER B 121 4.32 -10.04 -3.54
N TRP B 122 3.04 -9.74 -3.39
CA TRP B 122 2.59 -8.84 -2.34
C TRP B 122 2.89 -9.46 -0.97
N PRO B 123 3.25 -8.66 0.05
CA PRO B 123 3.45 -7.21 0.11
C PRO B 123 4.88 -6.75 -0.09
N LEU B 124 5.83 -7.68 -0.13
CA LEU B 124 7.24 -7.32 -0.19
C LEU B 124 7.69 -6.90 -1.58
N GLY B 125 6.83 -7.04 -2.59
CA GLY B 125 7.22 -6.74 -3.95
C GLY B 125 7.98 -7.84 -4.65
N GLU B 126 8.30 -8.92 -3.95
CA GLU B 126 9.00 -10.09 -4.48
C GLU B 126 8.31 -11.33 -3.94
N PRO B 127 8.38 -12.44 -4.68
CA PRO B 127 7.76 -13.67 -4.17
C PRO B 127 8.34 -14.08 -2.84
N SER B 128 7.48 -14.48 -1.91
CA SER B 128 7.92 -14.79 -0.56
C SER B 128 6.86 -15.62 0.14
N LEU B 129 7.28 -16.73 0.75
CA LEU B 129 6.42 -17.55 1.59
C LEU B 129 6.74 -17.35 3.07
N ALA B 130 7.38 -16.24 3.42
CA ALA B 130 7.80 -16.02 4.80
C ALA B 130 6.61 -15.89 5.73
N PHE B 131 5.56 -15.21 5.29
CA PHE B 131 4.39 -15.03 6.13
C PHE B 131 3.66 -16.35 6.35
N PHE B 132 3.65 -17.22 5.34
CA PHE B 132 3.07 -18.54 5.52
C PHE B 132 3.83 -19.33 6.58
N ASP B 133 5.16 -19.24 6.56
CA ASP B 133 5.95 -19.93 7.57
C ASP B 133 5.69 -19.36 8.96
N LEU B 134 5.60 -18.04 9.07
CA LEU B 134 5.38 -17.47 10.40
C LEU B 134 3.94 -17.57 10.87
N SER B 135 3.00 -17.94 10.00
CA SER B 135 1.62 -18.13 10.39
C SER B 135 1.24 -19.58 10.63
N SER B 136 2.02 -20.51 10.11
CA SER B 136 1.68 -21.92 10.20
C SER B 136 1.73 -22.41 11.65
N THR B 137 0.84 -23.33 11.98
CA THR B 137 0.84 -23.95 13.30
C THR B 137 1.69 -25.20 13.35
N ARG B 138 2.04 -25.78 12.20
CA ARG B 138 2.85 -26.99 12.17
C ARG B 138 4.31 -26.70 11.88
N VAL B 139 4.78 -25.50 12.18
CA VAL B 139 6.20 -25.18 12.18
C VAL B 139 6.53 -24.64 13.57
N HIS B 140 7.65 -25.09 14.13
CA HIS B 140 8.02 -24.75 15.50
C HIS B 140 9.33 -23.98 15.47
N ARG B 141 9.31 -22.77 16.03
CA ARG B 141 10.47 -21.90 16.05
C ARG B 141 10.60 -21.28 17.43
N ASN B 142 11.83 -20.95 17.79
CA ASN B 142 12.06 -20.23 19.04
C ASN B 142 11.42 -18.86 18.99
N ASP B 143 11.12 -18.31 20.15
CA ASP B 143 10.46 -17.01 20.19
C ASP B 143 11.40 -15.89 19.76
N ASP B 144 12.70 -16.04 20.00
CA ASP B 144 13.65 -14.99 19.62
C ASP B 144 13.79 -14.88 18.11
N ILE B 145 14.00 -16.01 17.43
CA ILE B 145 14.08 -15.99 15.99
C ILE B 145 12.75 -15.57 15.39
N ARG B 146 11.65 -15.97 16.03
CA ARG B 146 10.33 -15.55 15.56
C ARG B 146 10.18 -14.04 15.62
N ARG B 147 10.58 -13.42 16.74
CA ARG B 147 10.41 -11.97 16.84
C ARG B 147 11.32 -11.25 15.86
N ASP B 148 12.54 -11.75 15.68
CA ASP B 148 13.44 -11.13 14.71
C ASP B 148 12.83 -11.19 13.31
N GLN B 149 12.30 -12.35 12.92
CA GLN B 149 11.75 -12.49 11.59
C GLN B 149 10.49 -11.66 11.40
N ILE B 150 9.64 -11.58 12.43
CA ILE B 150 8.42 -10.79 12.31
C ILE B 150 8.76 -9.32 12.13
N ALA B 151 9.66 -8.80 12.96
CA ALA B 151 10.05 -7.39 12.83
C ALA B 151 10.73 -7.14 11.50
N THR B 152 11.56 -8.06 11.04
CA THR B 152 12.22 -7.90 9.75
C THR B 152 11.21 -7.84 8.62
N LEU B 153 10.19 -8.70 8.66
CA LEU B 153 9.18 -8.69 7.60
C LEU B 153 8.33 -7.43 7.65
N ALA B 154 8.00 -6.97 8.85
CA ALA B 154 7.27 -5.70 8.95
C ALA B 154 8.09 -4.56 8.37
N MET B 155 9.40 -4.54 8.62
CA MET B 155 10.24 -3.48 8.07
C MET B 155 10.39 -3.59 6.56
N ARG B 156 10.54 -4.81 6.05
CA ARG B 156 10.74 -5.02 4.62
C ARG B 156 9.49 -4.80 3.80
N SER B 157 8.31 -4.95 4.40
CA SER B 157 7.08 -4.59 3.72
C SER B 157 7.02 -3.11 3.41
N CYS B 158 7.45 -2.28 4.36
CA CYS B 158 7.32 -0.83 4.27
C CYS B 158 8.51 -0.18 3.57
N LYS B 159 9.65 -0.86 3.49
CA LYS B 159 10.82 -0.39 2.74
C LYS B 159 11.41 0.88 3.34
N ILE B 160 11.34 1.02 4.66
CA ILE B 160 12.00 2.11 5.36
C ILE B 160 13.11 1.54 6.22
N THR B 161 13.90 2.39 6.86
CA THR B 161 15.07 1.94 7.59
C THR B 161 15.11 2.30 9.06
N ASN B 162 14.17 3.09 9.57
CA ASN B 162 14.47 3.65 10.88
C ASN B 162 13.42 3.36 11.94
N ASP B 163 12.13 3.39 11.61
CA ASP B 163 11.08 3.32 12.61
C ASP B 163 10.40 1.96 12.58
N LEU B 164 10.20 1.37 13.75
CA LEU B 164 9.60 0.05 13.84
C LEU B 164 8.11 0.09 14.10
N GLU B 165 7.64 1.01 14.95
CA GLU B 165 6.21 1.12 15.19
C GLU B 165 5.47 1.57 13.94
N ASP B 166 6.05 2.52 13.21
CA ASP B 166 5.45 2.91 11.94
C ASP B 166 5.47 1.77 10.94
N SER B 167 6.41 0.83 11.06
CA SER B 167 6.41 -0.32 10.17
C SER B 167 5.23 -1.23 10.45
N PHE B 168 4.89 -1.44 11.71
CA PHE B 168 3.72 -2.27 12.02
C PHE B 168 2.43 -1.57 11.62
N VAL B 169 2.35 -0.26 11.86
CA VAL B 169 1.18 0.50 11.42
C VAL B 169 1.05 0.43 9.91
N GLY B 170 2.15 0.58 9.19
CA GLY B 170 2.11 0.53 7.74
C GLY B 170 1.75 -0.84 7.22
N LEU B 171 2.24 -1.89 7.87
CA LEU B 171 1.89 -3.25 7.45
C LEU B 171 0.40 -3.51 7.63
N HIS B 172 -0.16 -3.10 8.76
CA HIS B 172 -1.60 -3.28 8.92
C HIS B 172 -2.39 -2.45 7.91
N ARG B 173 -1.93 -1.22 7.64
CA ARG B 173 -2.63 -0.40 6.66
C ARG B 173 -2.59 -1.03 5.28
N MET B 174 -1.45 -1.62 4.91
CA MET B 174 -1.35 -2.33 3.64
C MET B 174 -2.29 -3.52 3.60
N ILE B 175 -2.38 -4.26 4.70
CA ILE B 175 -3.29 -5.40 4.76
C ILE B 175 -4.72 -4.95 4.52
N VAL B 176 -5.13 -3.89 5.20
CA VAL B 176 -6.51 -3.42 5.08
C VAL B 176 -6.77 -2.86 3.69
N THR B 177 -5.78 -2.21 3.08
CA THR B 177 -5.95 -1.70 1.73
C THR B 177 -6.19 -2.84 0.75
N GLU B 178 -5.38 -3.89 0.83
CA GLU B 178 -5.58 -5.03 -0.06
C GLU B 178 -6.88 -5.76 0.25
N ALA B 179 -7.28 -5.83 1.51
CA ALA B 179 -8.56 -6.44 1.83
C ALA B 179 -9.71 -5.67 1.20
N ILE B 180 -9.66 -4.35 1.28
CA ILE B 180 -10.72 -3.53 0.67
C ILE B 180 -10.74 -3.72 -0.83
N LEU B 181 -9.56 -3.75 -1.46
CA LEU B 181 -9.51 -3.91 -2.90
C LEU B 181 -10.03 -5.27 -3.34
N ARG B 182 -9.65 -6.33 -2.64
CA ARG B 182 -10.03 -7.69 -3.01
C ARG B 182 -11.36 -8.11 -2.41
N GLY B 183 -12.05 -7.23 -1.71
CA GLY B 183 -13.36 -7.57 -1.17
C GLY B 183 -13.31 -8.53 -0.01
N ILE B 184 -12.21 -8.61 0.68
CA ILE B 184 -12.07 -9.45 1.86
C ILE B 184 -12.81 -8.78 3.01
N ASP B 185 -13.46 -9.60 3.82
CA ASP B 185 -14.20 -9.08 4.96
C ASP B 185 -13.23 -8.62 6.04
N LEU B 186 -13.39 -7.39 6.50
CA LEU B 186 -12.45 -6.79 7.44
C LEU B 186 -12.68 -7.22 8.87
N CYS B 187 -13.76 -7.94 9.16
CA CYS B 187 -13.94 -8.49 10.49
C CYS B 187 -12.84 -9.48 10.82
N LEU B 188 -12.24 -10.09 9.80
CA LEU B 188 -11.24 -11.13 9.95
C LEU B 188 -9.82 -10.60 10.03
N LEU B 189 -9.63 -9.30 9.82
CA LEU B 189 -8.30 -8.69 9.81
C LEU B 189 -8.32 -7.49 10.73
N PRO B 190 -8.30 -7.71 12.04
CA PRO B 190 -8.29 -6.59 12.99
C PRO B 190 -6.92 -6.15 13.45
N GLY B 191 -5.85 -6.82 13.03
CA GLY B 191 -4.52 -6.56 13.55
C GLY B 191 -4.10 -7.46 14.67
N PHE B 192 -4.81 -8.56 14.91
CA PHE B 192 -4.50 -9.45 16.03
C PHE B 192 -3.17 -10.17 15.81
N ASP B 193 -3.00 -10.80 14.66
CA ASP B 193 -1.79 -11.58 14.35
C ASP B 193 -1.36 -11.23 12.93
N LEU B 194 -0.58 -10.15 12.79
CA LEU B 194 -0.36 -9.53 11.49
C LEU B 194 0.19 -10.51 10.46
N MET B 195 1.01 -11.47 10.88
CA MET B 195 1.50 -12.46 9.93
C MET B 195 0.36 -13.30 9.39
N TYR B 196 -0.61 -13.64 10.24
CA TYR B 196 -1.76 -14.37 9.70
C TYR B 196 -2.55 -13.51 8.73
N GLU B 197 -2.71 -12.21 9.01
CA GLU B 197 -3.46 -11.38 8.07
C GLU B 197 -2.76 -11.31 6.72
N VAL B 198 -1.43 -11.16 6.72
CA VAL B 198 -0.72 -11.13 5.45
C VAL B 198 -0.88 -12.45 4.72
N ALA B 199 -0.75 -13.56 5.44
CA ALA B 199 -0.91 -14.87 4.80
C ALA B 199 -2.35 -15.09 4.32
N HIS B 200 -3.34 -14.54 5.02
CA HIS B 200 -4.73 -14.66 4.61
C HIS B 200 -4.99 -13.90 3.32
N VAL B 201 -4.50 -12.67 3.23
CA VAL B 201 -4.68 -11.92 2.00
C VAL B 201 -3.90 -12.55 0.86
N GLN B 202 -2.72 -13.09 1.15
CA GLN B 202 -1.98 -13.80 0.12
C GLN B 202 -2.70 -15.06 -0.32
N CYS B 203 -3.41 -15.72 0.59
CA CYS B 203 -4.21 -16.89 0.23
C CYS B 203 -5.38 -16.50 -0.66
N VAL B 204 -6.03 -15.38 -0.37
CA VAL B 204 -7.11 -14.92 -1.24
C VAL B 204 -6.59 -14.60 -2.63
N ARG B 205 -5.44 -13.92 -2.70
CA ARG B 205 -4.84 -13.63 -3.99
C ARG B 205 -4.44 -14.90 -4.71
N LEU B 206 -3.93 -15.89 -3.99
CA LEU B 206 -3.57 -17.17 -4.60
C LEU B 206 -4.79 -17.88 -5.15
N LEU B 207 -5.90 -17.85 -4.41
CA LEU B 207 -7.11 -18.49 -4.88
C LEU B 207 -7.63 -17.80 -6.14
N GLN B 208 -7.51 -16.48 -6.21
CA GLN B 208 -7.92 -15.76 -7.42
C GLN B 208 -6.99 -16.05 -8.58
N ALA B 209 -5.70 -16.21 -8.31
CA ALA B 209 -4.72 -16.44 -9.37
C ALA B 209 -4.76 -17.87 -9.90
N ALA B 210 -5.11 -18.83 -9.06
CA ALA B 210 -5.15 -20.22 -9.51
C ALA B 210 -6.19 -20.43 -10.60
N LYS B 211 -7.25 -19.62 -10.60
CA LYS B 211 -8.22 -19.71 -11.69
C LYS B 211 -7.58 -19.41 -13.03
N GLU B 212 -6.83 -18.30 -13.11
CA GLU B 212 -6.16 -17.98 -14.36
C GLU B 212 -5.07 -18.99 -14.68
N ASP B 213 -4.42 -19.54 -13.66
CA ASP B 213 -3.37 -20.53 -13.92
C ASP B 213 -3.95 -21.80 -14.53
N ILE B 214 -5.07 -22.30 -14.01
CA ILE B 214 -5.68 -23.48 -14.60
C ILE B 214 -6.29 -23.13 -15.96
N SER B 215 -6.77 -21.90 -16.12
CA SER B 215 -7.27 -21.47 -17.42
C SER B 215 -6.16 -21.39 -18.46
N ASN B 216 -4.92 -21.23 -18.03
CA ASN B 216 -3.78 -21.26 -18.93
C ASN B 216 -3.28 -22.67 -19.21
N ALA B 217 -3.96 -23.69 -18.67
CA ALA B 217 -3.65 -25.09 -18.94
C ALA B 217 -2.21 -25.43 -18.56
N VAL B 218 -1.93 -25.35 -17.27
CA VAL B 218 -0.64 -25.72 -16.72
C VAL B 218 -0.78 -27.09 -16.05
N VAL B 219 0.36 -27.69 -15.71
CA VAL B 219 0.39 -29.00 -15.08
C VAL B 219 0.37 -28.80 -13.57
N PRO B 220 -0.69 -29.20 -12.87
CA PRO B 220 -0.77 -28.92 -11.43
C PRO B 220 0.34 -29.59 -10.64
N ASN B 221 0.93 -28.85 -9.72
CA ASN B 221 1.78 -29.38 -8.68
C ASN B 221 0.99 -29.40 -7.37
N SER B 222 1.66 -29.67 -6.26
CA SER B 222 0.98 -29.70 -4.98
C SER B 222 0.32 -28.36 -4.66
N ALA B 223 0.95 -27.26 -5.07
CA ALA B 223 0.38 -25.94 -4.81
C ALA B 223 -0.98 -25.79 -5.47
N LEU B 224 -1.07 -26.07 -6.76
CA LEU B 224 -2.34 -25.93 -7.45
C LEU B 224 -3.37 -26.93 -6.94
N ILE B 225 -2.94 -28.14 -6.57
CA ILE B 225 -3.89 -29.12 -6.05
C ILE B 225 -4.51 -28.62 -4.76
N ALA B 226 -3.68 -28.11 -3.84
CA ALA B 226 -4.20 -27.58 -2.59
C ALA B 226 -5.11 -26.39 -2.83
N LEU B 227 -4.70 -25.48 -3.72
CA LEU B 227 -5.50 -24.29 -3.97
C LEU B 227 -6.83 -24.64 -4.60
N MET B 228 -6.86 -25.62 -5.49
CA MET B 228 -8.11 -26.02 -6.12
C MET B 228 -9.02 -26.75 -5.14
N GLU B 229 -8.45 -27.57 -4.26
CA GLU B 229 -9.27 -28.21 -3.23
C GLU B 229 -9.92 -27.16 -2.33
N GLU B 230 -9.14 -26.17 -1.91
CA GLU B 230 -9.69 -25.11 -1.07
C GLU B 230 -10.75 -24.31 -1.81
N SER B 231 -10.50 -24.02 -3.09
CA SER B 231 -11.46 -23.27 -3.88
C SER B 231 -12.76 -24.03 -4.04
N LEU B 232 -12.68 -25.35 -4.24
CA LEU B 232 -13.88 -26.16 -4.38
C LEU B 232 -14.69 -26.16 -3.09
N MET B 233 -14.00 -26.40 -1.96
CA MET B 233 -14.71 -26.42 -0.68
C MET B 233 -15.35 -25.07 -0.40
N LEU B 234 -14.66 -23.98 -0.70
CA LEU B 234 -15.21 -22.66 -0.44
C LEU B 234 -16.35 -22.32 -1.39
N ARG B 235 -16.26 -22.72 -2.65
CA ARG B 235 -17.37 -22.52 -3.57
C ARG B 235 -18.61 -23.24 -3.08
N SER B 236 -18.43 -24.45 -2.54
CA SER B 236 -19.57 -25.17 -2.00
C SER B 236 -20.15 -24.47 -0.78
N SER B 237 -19.29 -24.07 0.16
CA SER B 237 -19.77 -23.57 1.45
C SER B 237 -19.95 -22.06 1.49
N LEU B 238 -18.88 -21.30 1.33
CA LEU B 238 -18.93 -19.84 1.46
C LEU B 238 -18.16 -19.20 0.32
N PRO B 239 -18.80 -18.99 -0.82
CA PRO B 239 -18.08 -18.39 -1.96
C PRO B 239 -17.55 -17.00 -1.68
N SER B 240 -18.29 -16.20 -0.91
CA SER B 240 -17.89 -14.81 -0.69
C SER B 240 -16.58 -14.70 0.05
N MET B 241 -16.13 -15.79 0.67
CA MET B 241 -14.85 -15.78 1.35
C MET B 241 -13.68 -15.74 0.38
N MET B 242 -13.91 -16.12 -0.87
CA MET B 242 -12.83 -16.12 -1.86
C MET B 242 -12.53 -14.74 -2.40
N GLY B 243 -13.21 -13.72 -1.91
CA GLY B 243 -12.98 -12.38 -2.39
C GLY B 243 -13.75 -12.10 -3.67
N ARG B 244 -13.44 -10.95 -4.27
CA ARG B 244 -14.03 -10.56 -5.53
C ARG B 244 -13.20 -11.09 -6.69
N ASN B 245 -13.84 -11.18 -7.85
CA ASN B 245 -13.18 -11.69 -9.06
C ASN B 245 -12.65 -10.50 -9.87
N ASN B 246 -11.57 -9.92 -9.36
CA ASN B 246 -10.95 -8.75 -9.98
C ASN B 246 -9.45 -8.92 -10.04
N TRP B 247 -9.00 -10.08 -10.51
CA TRP B 247 -7.58 -10.37 -10.65
C TRP B 247 -7.16 -10.11 -12.09
N ILE B 248 -6.12 -9.29 -12.28
CA ILE B 248 -5.57 -9.03 -13.60
C ILE B 248 -4.74 -10.24 -14.01
N PRO B 249 -5.08 -10.92 -15.11
CA PRO B 249 -4.24 -12.05 -15.54
C PRO B 249 -2.85 -11.57 -15.93
N VAL B 250 -1.86 -12.39 -15.61
CA VAL B 250 -0.47 -12.07 -15.90
C VAL B 250 -0.09 -12.71 -17.23
N VAL B 251 0.50 -11.91 -18.12
CA VAL B 251 0.91 -12.45 -19.42
C VAL B 251 2.03 -13.47 -19.22
N PRO B 252 1.92 -14.66 -19.77
CA PRO B 252 2.95 -15.68 -19.56
C PRO B 252 4.21 -15.34 -20.31
N PRO B 253 5.37 -15.32 -19.63
CA PRO B 253 6.65 -15.02 -20.27
C PRO B 253 7.19 -16.19 -21.07
#